data_9OMC
#
_entry.id   9OMC
#
_cell.length_a   165.755
_cell.length_b   54.562
_cell.length_c   119.447
_cell.angle_alpha   90.00
_cell.angle_beta   129.47
_cell.angle_gamma   90.00
#
_symmetry.space_group_name_H-M   'C 1 2 1'
#
loop_
_entity.id
_entity.type
_entity.pdbx_description
1 polymer "Bis(5'-nucleosyl)-tetraphosphatase [symmetrical]"
2 non-polymer "5'-O-[(S)-hydroxy{[(S)-hydroxy{[(R)-hydroxy(phosphonooxy)phosphoryl]oxy}phosphoryl]oxy}phosphoryl]guanosine"
3 non-polymer 'MANGANESE (II) ION'
4 non-polymer 'MAGNESIUM ION'
5 non-polymer '4-(2-HYDROXYETHYL)-1-PIPERAZINE ETHANESULFONIC ACID'
6 water water
#
_entity_poly.entity_id   1
_entity_poly.type   'polypeptide(L)'
_entity_poly.pdbx_seq_one_letter_code
;MATYLIGDVHGCYDELIALLHKVEFTPGKDTLWLTGDLVARGPGSLDVLRYVKSLGDSVRLVLGNHDLHLLAVFAGISRN
KPKDRLTPLLEAPDADELLNWLRRQPLLQIDEEKKLVMAHAGITPQWDLQTAKECARDVEAVLSSDSYPFFLDAMYGDMP
NNWSPELRGLGRLRFITNAFTRMRFCFPNGQLDMYSKESPEEAPAPLKPWFAIPGPVAEEYSIAFGHWASLEGKGTPEGI
YALDTGCCWGGTLTCLRWEDKQYFVQPSNRHKDLGEAAASHHHHHH
;
_entity_poly.pdbx_strand_id   A,B
#
loop_
_chem_comp.id
_chem_comp.type
_chem_comp.name
_chem_comp.formula
BKP non-polymer 5'-O-[(S)-hydroxy{[(S)-hydroxy{[(R)-hydroxy(phosphonooxy)phosphoryl]oxy}phosphoryl]oxy}phosphoryl]guanosine 'C10 H17 N5 O17 P4'
EPE non-polymer '4-(2-HYDROXYETHYL)-1-PIPERAZINE ETHANESULFONIC ACID' 'C8 H18 N2 O4 S'
MG non-polymer 'MAGNESIUM ION' 'Mg 2'
MN non-polymer 'MANGANESE (II) ION' 'Mn 2'
#
# COMPACT_ATOMS: atom_id res chain seq x y z
N ALA A 2 7.28 26.70 -25.67
CA ALA A 2 6.60 26.70 -24.39
C ALA A 2 7.18 25.62 -23.48
N THR A 3 6.89 25.72 -22.18
CA THR A 3 7.42 24.81 -21.17
C THR A 3 6.26 24.10 -20.50
N TYR A 4 6.26 22.77 -20.57
CA TYR A 4 5.20 21.93 -20.00
C TYR A 4 5.80 21.03 -18.93
N LEU A 5 5.11 20.92 -17.79
CA LEU A 5 5.51 20.08 -16.68
C LEU A 5 4.40 19.06 -16.43
N ILE A 6 4.75 17.77 -16.40
CA ILE A 6 3.75 16.73 -16.21
C ILE A 6 4.16 15.87 -15.01
N GLY A 7 3.18 15.48 -14.20
CA GLY A 7 3.39 14.62 -13.04
C GLY A 7 3.58 13.15 -13.41
N ASP A 8 3.58 12.32 -12.36
CA ASP A 8 3.89 10.88 -12.46
C ASP A 8 3.08 10.19 -13.57
N VAL A 9 3.79 9.66 -14.57
CA VAL A 9 3.11 9.00 -15.69
C VAL A 9 2.76 7.55 -15.35
N HIS A 10 3.63 6.83 -14.64
CA HIS A 10 3.37 5.44 -14.22
C HIS A 10 2.83 4.58 -15.36
N GLY A 11 3.54 4.59 -16.49
CA GLY A 11 3.19 3.72 -17.59
C GLY A 11 1.90 4.04 -18.29
N CYS A 12 1.27 5.18 -18.01
CA CYS A 12 0.04 5.58 -18.68
C CYS A 12 0.40 6.31 -19.97
N TYR A 13 0.91 5.54 -20.92
CA TYR A 13 1.41 6.13 -22.16
C TYR A 13 0.29 6.78 -22.97
N ASP A 14 -0.86 6.13 -23.08
CA ASP A 14 -1.97 6.69 -23.84
C ASP A 14 -2.38 8.06 -23.31
N GLU A 15 -2.48 8.19 -21.98
CA GLU A 15 -2.87 9.47 -21.40
C GLU A 15 -1.79 10.52 -21.62
N LEU A 16 -0.52 10.12 -21.51
CA LEU A 16 0.56 11.07 -21.73
C LEU A 16 0.50 11.63 -23.16
N ILE A 17 0.31 10.75 -24.15
CA ILE A 17 0.29 11.19 -25.54
C ILE A 17 -0.95 12.05 -25.80
N ALA A 18 -2.10 11.64 -25.26
CA ALA A 18 -3.30 12.47 -25.43
C ALA A 18 -3.11 13.87 -24.84
N LEU A 19 -2.51 13.96 -23.65
CA LEU A 19 -2.30 15.25 -23.02
C LEU A 19 -1.33 16.13 -23.83
N LEU A 20 -0.23 15.55 -24.31
CA LEU A 20 0.71 16.34 -25.12
C LEU A 20 0.11 16.74 -26.46
N HIS A 21 -0.80 15.95 -27.01
CA HIS A 21 -1.47 16.34 -28.25
C HIS A 21 -2.46 17.47 -28.00
N LYS A 22 -3.11 17.45 -26.83
CA LYS A 22 -4.00 18.56 -26.47
C LYS A 22 -3.27 19.89 -26.48
N VAL A 23 -2.04 19.94 -25.95
CA VAL A 23 -1.28 21.19 -25.94
C VAL A 23 -0.44 21.36 -27.19
N GLU A 24 -0.52 20.42 -28.14
CA GLU A 24 0.29 20.41 -29.36
C GLU A 24 1.77 20.55 -29.05
N PHE A 25 2.24 19.69 -28.15
CA PHE A 25 3.65 19.68 -27.80
C PHE A 25 4.51 19.40 -29.02
N THR A 26 5.48 20.27 -29.26
CA THR A 26 6.33 20.23 -30.45
C THR A 26 7.79 20.27 -30.04
N PRO A 27 8.48 19.14 -30.06
CA PRO A 27 9.91 19.15 -29.73
C PRO A 27 10.64 20.11 -30.65
N GLY A 28 11.58 20.86 -30.09
CA GLY A 28 12.29 21.89 -30.80
C GLY A 28 11.74 23.27 -30.57
N LYS A 29 10.43 23.40 -30.38
CA LYS A 29 9.85 24.65 -29.93
C LYS A 29 9.48 24.63 -28.45
N ASP A 30 9.15 23.45 -27.91
CA ASP A 30 8.69 23.28 -26.54
C ASP A 30 9.64 22.37 -25.79
N THR A 31 9.58 22.44 -24.45
CA THR A 31 10.35 21.58 -23.54
C THR A 31 9.41 20.96 -22.51
N LEU A 32 9.62 19.68 -22.25
CA LEU A 32 8.79 18.92 -21.33
C LEU A 32 9.59 18.62 -20.06
N TRP A 33 9.05 18.99 -18.90
CA TRP A 33 9.61 18.56 -17.63
C TRP A 33 8.76 17.42 -17.09
N LEU A 34 9.41 16.37 -16.58
CA LEU A 34 8.70 15.21 -16.04
C LEU A 34 9.17 14.95 -14.62
N THR A 35 8.22 14.85 -13.68
CA THR A 35 8.55 14.68 -12.26
C THR A 35 9.06 13.27 -11.91
N GLY A 36 9.16 12.35 -12.87
CA GLY A 36 9.64 11.02 -12.53
C GLY A 36 8.51 10.05 -12.28
N ASP A 37 8.90 8.83 -11.86
CA ASP A 37 7.98 7.70 -11.80
C ASP A 37 7.31 7.50 -13.17
N LEU A 38 8.16 7.33 -14.17
CA LEU A 38 7.70 7.11 -15.54
C LEU A 38 7.05 5.76 -15.72
N VAL A 39 7.39 4.80 -14.86
CA VAL A 39 7.15 3.38 -15.09
C VAL A 39 6.32 2.83 -13.94
N ALA A 40 5.86 1.58 -14.13
CA ALA A 40 5.15 0.76 -13.14
C ALA A 40 3.67 1.11 -12.96
N ARG A 41 2.88 0.07 -12.61
CA ARG A 41 1.44 0.13 -12.38
C ARG A 41 0.65 0.25 -13.67
N GLY A 42 0.85 1.33 -14.44
CA GLY A 42 0.15 1.48 -15.70
C GLY A 42 0.68 0.49 -16.73
N PRO A 43 -0.03 0.32 -17.85
CA PRO A 43 0.32 -0.78 -18.77
C PRO A 43 1.48 -0.50 -19.71
N GLY A 44 1.89 0.76 -19.90
CA GLY A 44 2.83 1.10 -20.96
C GLY A 44 4.20 1.62 -20.59
N SER A 45 4.84 1.05 -19.57
CA SER A 45 6.16 1.53 -19.15
C SER A 45 7.17 1.49 -20.30
N LEU A 46 7.12 0.44 -21.15
CA LEU A 46 8.09 0.33 -22.24
C LEU A 46 7.94 1.48 -23.23
N ASP A 47 6.69 1.78 -23.63
CA ASP A 47 6.43 2.85 -24.59
C ASP A 47 6.80 4.21 -24.03
N VAL A 48 6.46 4.45 -22.76
CA VAL A 48 6.83 5.70 -22.10
C VAL A 48 8.34 5.90 -22.11
N LEU A 49 9.10 4.86 -21.70
CA LEU A 49 10.55 5.02 -21.67
C LEU A 49 11.09 5.29 -23.06
N ARG A 50 10.62 4.54 -24.07
CA ARG A 50 11.12 4.76 -25.43
C ARG A 50 10.87 6.19 -25.86
N TYR A 51 9.66 6.70 -25.60
CA TYR A 51 9.29 8.03 -26.05
C TYR A 51 10.10 9.11 -25.33
N VAL A 52 10.15 9.06 -23.99
CA VAL A 52 10.87 10.08 -23.24
C VAL A 52 12.34 10.09 -23.66
N LYS A 53 12.96 8.91 -23.78
CA LYS A 53 14.35 8.89 -24.22
C LYS A 53 14.50 9.53 -25.61
N SER A 54 13.57 9.23 -26.53
CA SER A 54 13.65 9.83 -27.87
C SER A 54 13.61 11.35 -27.85
N LEU A 55 13.04 11.97 -26.80
CA LEU A 55 12.95 13.44 -26.77
C LEU A 55 14.30 14.16 -26.60
N GLY A 56 15.32 13.51 -26.05
CA GLY A 56 16.62 14.17 -25.91
C GLY A 56 16.56 15.49 -25.15
N ASP A 57 17.17 16.53 -25.71
CA ASP A 57 17.22 17.85 -25.09
C ASP A 57 15.85 18.49 -24.92
N SER A 58 14.81 17.95 -25.55
CA SER A 58 13.48 18.49 -25.37
C SER A 58 12.79 17.95 -24.12
N VAL A 59 13.46 17.16 -23.27
CA VAL A 59 12.87 16.71 -22.02
C VAL A 59 13.88 16.89 -20.88
N ARG A 60 13.37 17.30 -19.72
CA ARG A 60 14.13 17.43 -18.47
C ARG A 60 13.39 16.56 -17.45
N LEU A 61 13.96 15.41 -17.16
CA LEU A 61 13.44 14.41 -16.25
C LEU A 61 14.15 14.49 -14.90
N VAL A 62 13.45 14.06 -13.84
CA VAL A 62 14.10 13.66 -12.60
C VAL A 62 13.63 12.26 -12.26
N LEU A 63 14.51 11.48 -11.64
CA LEU A 63 14.16 10.11 -11.29
C LEU A 63 13.32 10.05 -10.02
N GLY A 64 12.34 9.15 -9.99
CA GLY A 64 11.51 8.90 -8.83
C GLY A 64 11.81 7.53 -8.21
N ASN A 65 11.08 7.22 -7.13
CA ASN A 65 11.31 5.94 -6.44
C ASN A 65 10.99 4.72 -7.30
N HIS A 66 9.99 4.80 -8.19
CA HIS A 66 9.67 3.65 -9.03
C HIS A 66 10.65 3.47 -10.18
N ASP A 67 11.24 4.56 -10.68
CA ASP A 67 12.33 4.41 -11.66
C ASP A 67 13.52 3.70 -11.02
N LEU A 68 13.89 4.10 -9.80
CA LEU A 68 14.99 3.46 -9.09
C LEU A 68 14.68 1.99 -8.79
N HIS A 69 13.44 1.68 -8.41
CA HIS A 69 13.09 0.28 -8.18
C HIS A 69 13.19 -0.55 -9.46
N LEU A 70 12.73 0.01 -10.59
CA LEU A 70 12.92 -0.68 -11.85
C LEU A 70 14.38 -0.96 -12.10
N LEU A 71 15.26 0.02 -11.82
CA LEU A 71 16.69 -0.21 -12.03
C LEU A 71 17.19 -1.33 -11.11
N ALA A 72 16.68 -1.37 -9.87
CA ALA A 72 17.06 -2.44 -8.94
C ALA A 72 16.62 -3.81 -9.46
N VAL A 73 15.42 -3.89 -10.03
CA VAL A 73 14.94 -5.15 -10.61
C VAL A 73 15.81 -5.54 -11.79
N PHE A 74 16.09 -4.58 -12.67
CA PHE A 74 16.91 -4.85 -13.85
C PHE A 74 18.26 -5.44 -13.47
N ALA A 75 18.89 -4.89 -12.44
CA ALA A 75 20.21 -5.31 -12.02
C ALA A 75 20.19 -6.55 -11.12
N GLY A 76 19.04 -7.18 -10.93
CA GLY A 76 18.97 -8.37 -10.10
C GLY A 76 19.07 -8.09 -8.61
N ILE A 77 18.96 -6.84 -8.20
CA ILE A 77 19.04 -6.42 -6.79
C ILE A 77 17.72 -6.67 -6.06
N SER A 78 16.58 -6.52 -6.74
CA SER A 78 15.27 -6.62 -6.13
C SER A 78 14.36 -7.47 -7.01
N ARG A 79 13.32 -8.00 -6.39
CA ARG A 79 12.41 -8.93 -7.07
C ARG A 79 11.32 -8.15 -7.80
N ASN A 80 10.96 -8.65 -8.98
CA ASN A 80 9.87 -8.06 -9.74
C ASN A 80 8.52 -8.36 -9.08
N LYS A 81 7.72 -7.31 -8.85
CA LYS A 81 6.33 -7.46 -8.39
C LYS A 81 5.40 -7.53 -9.59
N PRO A 82 4.58 -8.59 -9.74
CA PRO A 82 3.67 -8.65 -10.90
C PRO A 82 2.81 -7.40 -11.07
N LYS A 83 2.38 -6.76 -9.99
CA LYS A 83 1.49 -5.60 -10.13
C LYS A 83 2.16 -4.42 -10.82
N ASP A 84 3.49 -4.36 -10.84
CA ASP A 84 4.15 -3.24 -11.51
C ASP A 84 4.05 -3.33 -13.02
N ARG A 85 3.81 -4.53 -13.58
CA ARG A 85 3.62 -4.69 -15.03
C ARG A 85 4.87 -4.26 -15.79
N LEU A 86 6.03 -4.62 -15.27
CA LEU A 86 7.31 -4.27 -15.86
C LEU A 86 7.88 -5.32 -16.81
N THR A 87 7.26 -6.49 -16.92
CA THR A 87 7.86 -7.57 -17.71
C THR A 87 8.04 -7.23 -19.20
N PRO A 88 7.10 -6.58 -19.88
CA PRO A 88 7.38 -6.22 -21.28
C PRO A 88 8.63 -5.36 -21.43
N LEU A 89 8.81 -4.37 -20.55
CA LEU A 89 10.01 -3.53 -20.60
C LEU A 89 11.26 -4.33 -20.29
N LEU A 90 11.23 -5.14 -19.23
CA LEU A 90 12.41 -5.91 -18.84
C LEU A 90 12.83 -6.88 -19.94
N GLU A 91 11.87 -7.48 -20.64
CA GLU A 91 12.18 -8.46 -21.68
C GLU A 91 12.38 -7.85 -23.07
N ALA A 92 12.33 -6.51 -23.19
CA ALA A 92 12.42 -5.87 -24.50
C ALA A 92 13.83 -6.01 -25.07
N PRO A 93 13.97 -6.07 -26.40
CA PRO A 93 15.32 -6.13 -26.98
C PRO A 93 16.16 -4.91 -26.67
N ASP A 94 15.55 -3.74 -26.50
CA ASP A 94 16.31 -2.55 -26.18
C ASP A 94 16.29 -2.24 -24.68
N ALA A 95 15.98 -3.23 -23.84
CA ALA A 95 15.92 -2.96 -22.40
C ALA A 95 17.24 -2.38 -21.90
N ASP A 96 18.38 -2.94 -22.33
CA ASP A 96 19.68 -2.47 -21.89
C ASP A 96 19.87 -0.99 -22.23
N GLU A 97 19.60 -0.62 -23.49
CA GLU A 97 19.72 0.76 -23.95
C GLU A 97 18.82 1.70 -23.14
N LEU A 98 17.57 1.29 -22.92
CA LEU A 98 16.64 2.15 -22.20
C LEU A 98 17.07 2.35 -20.75
N LEU A 99 17.45 1.27 -20.06
CA LEU A 99 17.74 1.41 -18.64
C LEU A 99 19.09 2.04 -18.37
N ASN A 100 20.08 1.79 -19.25
CA ASN A 100 21.36 2.48 -19.13
C ASN A 100 21.21 3.97 -19.39
N TRP A 101 20.29 4.36 -20.28
CA TRP A 101 19.92 5.77 -20.37
C TRP A 101 19.25 6.26 -19.09
N LEU A 102 18.26 5.49 -18.59
CA LEU A 102 17.45 6.00 -17.48
C LEU A 102 18.31 6.27 -16.25
N ARG A 103 19.28 5.39 -16.00
CA ARG A 103 20.07 5.54 -14.79
C ARG A 103 21.05 6.71 -14.87
N ARG A 104 21.23 7.30 -16.04
CA ARG A 104 22.09 8.47 -16.19
C ARG A 104 21.32 9.78 -16.08
N GLN A 105 20.02 9.73 -15.72
CA GLN A 105 19.23 10.95 -15.67
C GLN A 105 19.30 11.60 -14.29
N PRO A 106 19.05 12.90 -14.22
CA PRO A 106 19.25 13.62 -12.96
C PRO A 106 18.19 13.28 -11.92
N LEU A 107 18.51 13.61 -10.66
CA LEU A 107 17.53 13.66 -9.57
C LEU A 107 16.98 15.05 -9.35
N LEU A 108 17.58 16.07 -9.96
CA LEU A 108 17.27 17.47 -9.67
C LEU A 108 17.44 18.27 -10.93
N GLN A 109 16.44 19.09 -11.28
CA GLN A 109 16.54 20.00 -12.42
C GLN A 109 16.39 21.44 -11.93
N ILE A 110 17.26 22.34 -12.40
CA ILE A 110 17.20 23.75 -12.02
C ILE A 110 17.24 24.62 -13.27
N ASP A 111 16.30 25.55 -13.39
CA ASP A 111 16.33 26.56 -14.44
C ASP A 111 16.33 27.94 -13.78
N GLU A 112 17.49 28.62 -13.84
CA GLU A 112 17.65 29.90 -13.16
C GLU A 112 16.79 31.00 -13.80
N GLU A 113 16.64 30.99 -15.12
CA GLU A 113 15.85 32.04 -15.77
C GLU A 113 14.38 31.92 -15.42
N LYS A 114 13.90 30.69 -15.23
CA LYS A 114 12.52 30.49 -14.79
C LYS A 114 12.39 30.51 -13.29
N LYS A 115 13.51 30.54 -12.56
CA LYS A 115 13.46 30.47 -11.11
C LYS A 115 12.74 29.21 -10.67
N LEU A 116 13.05 28.09 -11.32
CA LEU A 116 12.25 26.87 -11.17
C LEU A 116 13.15 25.71 -10.79
N VAL A 117 12.72 24.94 -9.79
CA VAL A 117 13.42 23.76 -9.32
C VAL A 117 12.45 22.59 -9.37
N MET A 118 12.94 21.42 -9.83
CA MET A 118 12.14 20.19 -9.85
C MET A 118 12.93 19.02 -9.28
N ALA A 119 12.23 18.22 -8.48
CA ALA A 119 12.71 16.95 -7.96
C ALA A 119 11.49 16.08 -7.74
N HIS A 120 11.69 14.76 -7.62
CA HIS A 120 10.52 13.87 -7.60
C HIS A 120 9.59 14.19 -6.42
N ALA A 121 10.15 14.22 -5.20
CA ALA A 121 9.37 14.42 -3.98
C ALA A 121 9.37 15.87 -3.50
N GLY A 122 10.31 16.68 -4.00
CA GLY A 122 10.44 18.05 -3.54
C GLY A 122 11.83 18.31 -3.00
N ILE A 123 12.00 19.41 -2.26
CA ILE A 123 13.28 19.79 -1.66
C ILE A 123 13.10 19.87 -0.16
N THR A 124 13.83 19.04 0.58
CA THR A 124 13.68 19.08 2.02
C THR A 124 14.04 20.47 2.53
N PRO A 125 13.27 21.00 3.48
CA PRO A 125 13.60 22.32 4.05
C PRO A 125 14.98 22.37 4.73
N GLN A 126 15.63 21.23 5.00
CA GLN A 126 16.95 21.25 5.59
C GLN A 126 18.06 21.53 4.59
N TRP A 127 17.73 21.60 3.30
CA TRP A 127 18.73 21.88 2.28
C TRP A 127 18.59 23.30 1.75
N ASP A 128 19.74 23.94 1.51
CA ASP A 128 19.79 25.09 0.63
C ASP A 128 20.18 24.62 -0.78
N LEU A 129 20.19 25.54 -1.73
CA LEU A 129 20.34 25.14 -3.13
C LEU A 129 21.68 24.44 -3.36
N GLN A 130 22.76 24.97 -2.79
CA GLN A 130 24.08 24.39 -3.00
C GLN A 130 24.15 22.96 -2.46
N THR A 131 23.59 22.72 -1.28
CA THR A 131 23.58 21.36 -0.74
C THR A 131 22.76 20.42 -1.61
N ALA A 132 21.57 20.86 -2.04
CA ALA A 132 20.76 19.98 -2.89
C ALA A 132 21.51 19.66 -4.16
N LYS A 133 22.23 20.65 -4.73
CA LYS A 133 23.00 20.42 -5.94
C LYS A 133 24.07 19.36 -5.71
N GLU A 134 24.79 19.49 -4.61
CA GLU A 134 25.88 18.56 -4.34
C GLU A 134 25.35 17.16 -4.09
N CYS A 135 24.25 17.03 -3.35
CA CYS A 135 23.68 15.71 -3.08
C CYS A 135 23.19 15.06 -4.37
N ALA A 136 22.50 15.83 -5.23
CA ALA A 136 22.09 15.30 -6.51
C ALA A 136 23.29 14.79 -7.29
N ARG A 137 24.36 15.59 -7.32
CA ARG A 137 25.54 15.20 -8.11
C ARG A 137 26.14 13.92 -7.56
N ASP A 138 26.22 13.77 -6.24
CA ASP A 138 26.77 12.55 -5.65
C ASP A 138 25.97 11.32 -6.05
N VAL A 139 24.64 11.39 -5.89
CA VAL A 139 23.84 10.20 -6.15
C VAL A 139 23.84 9.89 -7.65
N GLU A 140 23.76 10.93 -8.48
CA GLU A 140 23.82 10.72 -9.92
C GLU A 140 25.15 10.09 -10.32
N ALA A 141 26.24 10.47 -9.64
CA ALA A 141 27.53 9.89 -9.97
C ALA A 141 27.53 8.40 -9.69
N VAL A 142 26.95 7.97 -8.57
CA VAL A 142 26.94 6.54 -8.35
C VAL A 142 25.97 5.83 -9.32
N LEU A 143 24.83 6.46 -9.63
CA LEU A 143 23.87 5.81 -10.53
C LEU A 143 24.42 5.65 -11.94
N SER A 144 25.23 6.59 -12.40
CA SER A 144 25.76 6.52 -13.75
C SER A 144 27.08 5.77 -13.83
N SER A 145 27.53 5.18 -12.72
CA SER A 145 28.79 4.45 -12.73
C SER A 145 28.57 2.97 -13.03
N ASP A 146 29.66 2.30 -13.41
CA ASP A 146 29.61 0.86 -13.69
C ASP A 146 29.18 0.07 -12.48
N SER A 147 29.26 0.65 -11.28
CA SER A 147 28.96 -0.05 -10.04
C SER A 147 27.60 0.31 -9.45
N TYR A 148 26.66 0.80 -10.26
CA TYR A 148 25.37 1.21 -9.74
C TYR A 148 24.57 0.12 -9.02
N PRO A 149 24.75 -1.19 -9.30
CA PRO A 149 23.97 -2.18 -8.54
C PRO A 149 24.27 -2.18 -7.05
N PHE A 150 25.53 -1.93 -6.67
CA PHE A 150 25.87 -1.83 -5.25
C PHE A 150 25.12 -0.68 -4.60
N PHE A 151 25.09 0.49 -5.26
CA PHE A 151 24.31 1.59 -4.69
C PHE A 151 22.84 1.20 -4.58
N LEU A 152 22.26 0.67 -5.65
CA LEU A 152 20.84 0.34 -5.61
C LEU A 152 20.55 -0.57 -4.42
N ASP A 153 21.41 -1.56 -4.20
CA ASP A 153 21.25 -2.43 -3.04
C ASP A 153 21.32 -1.61 -1.74
N ALA A 154 22.27 -0.68 -1.67
CA ALA A 154 22.47 0.08 -0.43
C ALA A 154 21.37 1.11 -0.15
N MET A 155 20.66 1.59 -1.18
CA MET A 155 19.72 2.69 -1.02
C MET A 155 18.53 2.33 -0.14
N TYR A 156 18.16 1.06 -0.06
CA TYR A 156 16.97 0.70 0.70
C TYR A 156 17.23 0.92 2.19
N GLY A 157 16.26 1.50 2.87
CA GLY A 157 16.35 1.81 4.29
C GLY A 157 15.63 3.12 4.58
N ASP A 158 15.28 3.30 5.86
CA ASP A 158 14.53 4.48 6.28
C ASP A 158 15.32 5.45 7.17
N MET A 159 16.56 5.14 7.51
CA MET A 159 17.39 5.98 8.37
C MET A 159 18.73 6.23 7.69
N PRO A 160 19.42 7.33 8.02
CA PRO A 160 19.01 8.40 8.93
C PRO A 160 17.96 9.28 8.28
N ASN A 161 17.21 10.04 9.08
CA ASN A 161 16.16 10.90 8.56
C ASN A 161 16.42 12.36 8.88
N ASN A 162 17.64 12.69 9.27
CA ASN A 162 18.03 14.05 9.61
C ASN A 162 19.27 14.42 8.82
N TRP A 163 19.22 15.54 8.11
CA TRP A 163 20.39 15.94 7.35
C TRP A 163 21.45 16.56 8.24
N SER A 164 22.71 16.23 7.97
CA SER A 164 23.85 16.94 8.50
C SER A 164 24.94 16.88 7.45
N PRO A 165 25.72 17.96 7.27
CA PRO A 165 26.87 17.89 6.37
C PRO A 165 27.90 16.87 6.80
N GLU A 166 27.82 16.40 8.04
CA GLU A 166 28.76 15.41 8.53
C GLU A 166 28.36 13.98 8.17
N LEU A 167 27.18 13.77 7.60
CA LEU A 167 26.80 12.44 7.18
C LEU A 167 27.81 11.90 6.17
N ARG A 168 28.09 10.61 6.24
CA ARG A 168 29.06 9.98 5.35
C ARG A 168 28.56 8.61 4.93
N GLY A 169 29.05 8.15 3.78
CA GLY A 169 28.82 6.78 3.36
C GLY A 169 27.35 6.41 3.15
N LEU A 170 27.02 5.20 3.59
CA LEU A 170 25.71 4.62 3.25
C LEU A 170 24.58 5.48 3.78
N GLY A 171 24.72 6.02 4.99
CA GLY A 171 23.65 6.81 5.56
C GLY A 171 23.43 8.12 4.81
N ARG A 172 24.51 8.76 4.38
CA ARG A 172 24.39 9.99 3.59
C ARG A 172 23.67 9.73 2.28
N LEU A 173 24.11 8.70 1.55
CA LEU A 173 23.47 8.35 0.30
C LEU A 173 21.99 7.98 0.49
N ARG A 174 21.68 7.19 1.52
CA ARG A 174 20.30 6.80 1.78
C ARG A 174 19.43 8.02 2.09
N PHE A 175 19.93 8.93 2.92
CA PHE A 175 19.16 10.13 3.20
C PHE A 175 18.91 10.92 1.92
N ILE A 176 19.95 11.09 1.10
CA ILE A 176 19.78 11.88 -0.12
C ILE A 176 18.67 11.28 -0.97
N THR A 177 18.72 9.97 -1.16
CA THR A 177 17.72 9.28 -1.98
C THR A 177 16.33 9.41 -1.40
N ASN A 178 16.19 9.28 -0.07
CA ASN A 178 14.87 9.39 0.55
C ASN A 178 14.34 10.82 0.43
N ALA A 179 15.21 11.82 0.62
CA ALA A 179 14.77 13.20 0.50
C ALA A 179 14.29 13.51 -0.92
N PHE A 180 15.02 13.05 -1.94
CA PHE A 180 14.62 13.38 -3.32
C PHE A 180 13.44 12.54 -3.83
N THR A 181 13.29 11.28 -3.39
CA THR A 181 12.35 10.40 -4.05
C THR A 181 11.26 9.82 -3.17
N ARG A 182 11.33 9.99 -1.85
CA ARG A 182 10.30 9.40 -0.97
C ARG A 182 9.63 10.38 -0.03
N MET A 183 10.20 11.56 0.19
CA MET A 183 9.72 12.53 1.18
C MET A 183 8.26 12.94 0.96
N ARG A 184 7.54 13.04 2.08
CA ARG A 184 6.20 13.61 2.11
C ARG A 184 6.10 14.53 3.31
N PHE A 185 6.01 13.96 4.52
CA PHE A 185 5.86 14.72 5.76
C PHE A 185 7.19 14.97 6.45
N CYS A 186 7.26 16.10 7.15
CA CYS A 186 8.38 16.45 8.00
C CYS A 186 7.95 16.63 9.45
N PHE A 187 8.86 16.46 10.39
CA PHE A 187 8.67 16.93 11.76
C PHE A 187 8.98 18.41 11.86
N PRO A 188 8.55 19.07 12.87
CA PRO A 188 8.77 20.54 12.96
C PRO A 188 10.20 20.98 12.69
N ASN A 189 11.18 20.12 13.00
CA ASN A 189 12.58 20.48 12.78
C ASN A 189 13.04 20.12 11.40
N GLY A 190 12.12 19.59 10.60
CA GLY A 190 12.36 19.26 9.24
C GLY A 190 12.80 17.84 8.99
N GLN A 191 12.94 17.03 10.04
CA GLN A 191 13.40 15.66 9.86
C GLN A 191 12.34 14.83 9.13
N LEU A 192 12.79 13.90 8.30
CA LEU A 192 11.91 13.13 7.43
C LEU A 192 11.13 12.05 8.19
N ASP A 193 9.86 11.93 7.87
CA ASP A 193 9.03 10.77 8.24
C ASP A 193 8.84 9.87 7.01
N MET A 194 9.08 8.58 7.20
CA MET A 194 9.14 7.64 6.07
C MET A 194 7.96 6.67 6.03
N TYR A 195 6.88 6.95 6.76
CA TYR A 195 5.77 5.98 6.86
C TYR A 195 4.42 6.52 6.42
N SER A 196 4.11 7.78 6.74
CA SER A 196 2.80 8.34 6.43
C SER A 196 2.69 8.73 4.96
N LYS A 197 1.63 8.26 4.29
CA LYS A 197 1.38 8.56 2.89
C LYS A 197 0.01 9.18 2.65
N GLU A 198 -0.65 9.67 3.70
CA GLU A 198 -1.98 10.25 3.59
C GLU A 198 -1.92 11.72 3.21
N SER A 199 -3.10 12.32 3.02
CA SER A 199 -3.20 13.75 2.76
C SER A 199 -2.83 14.55 4.02
N PRO A 200 -2.38 15.80 3.86
CA PRO A 200 -2.02 16.61 5.02
C PRO A 200 -3.13 16.72 6.04
N GLU A 201 -4.39 16.74 5.60
CA GLU A 201 -5.50 16.87 6.53
C GLU A 201 -5.61 15.64 7.44
N GLU A 202 -5.30 14.45 6.91
CA GLU A 202 -5.43 13.21 7.66
C GLU A 202 -4.18 12.87 8.45
N ALA A 203 -3.14 13.64 8.33
CA ALA A 203 -1.91 13.23 9.00
C ALA A 203 -1.99 13.55 10.49
N PRO A 204 -1.43 12.70 11.34
CA PRO A 204 -1.37 13.03 12.77
C PRO A 204 -0.32 14.08 13.05
N ALA A 205 -0.56 14.87 14.10
CA ALA A 205 0.41 15.83 14.59
C ALA A 205 1.64 15.13 15.15
N PRO A 206 2.79 15.79 15.15
CA PRO A 206 3.04 17.15 14.65
C PRO A 206 3.57 17.11 13.22
N LEU A 207 3.13 16.12 12.42
CA LEU A 207 3.62 15.99 11.05
C LEU A 207 2.97 17.06 10.16
N LYS A 208 3.79 17.68 9.31
CA LYS A 208 3.31 18.65 8.34
C LYS A 208 4.00 18.43 7.00
N PRO A 209 3.36 18.80 5.90
CA PRO A 209 4.01 18.67 4.60
C PRO A 209 5.37 19.35 4.61
N TRP A 210 6.33 18.75 3.89
CA TRP A 210 7.66 19.36 3.79
C TRP A 210 7.58 20.80 3.29
N PHE A 211 6.63 21.09 2.40
CA PHE A 211 6.53 22.44 1.85
C PHE A 211 5.88 23.42 2.82
N ALA A 212 5.30 22.96 3.93
CA ALA A 212 4.74 23.82 4.96
C ALA A 212 5.78 24.28 5.96
N ILE A 213 7.03 23.88 5.78
CA ILE A 213 8.17 24.26 6.62
C ILE A 213 9.03 25.19 5.80
N PRO A 214 9.26 26.43 6.23
CA PRO A 214 10.03 27.36 5.40
C PRO A 214 11.44 26.82 5.18
N GLY A 215 11.90 26.87 3.93
CA GLY A 215 13.24 26.42 3.60
C GLY A 215 13.91 27.36 2.63
N PRO A 216 15.25 27.38 2.65
CA PRO A 216 15.96 28.36 1.80
C PRO A 216 15.64 28.23 0.31
N VAL A 217 15.44 27.01 -0.21
CA VAL A 217 15.16 26.87 -1.63
C VAL A 217 13.77 27.40 -1.97
N ALA A 218 12.76 26.97 -1.21
CA ALA A 218 11.39 27.40 -1.45
C ALA A 218 11.21 28.90 -1.27
N GLU A 219 12.07 29.56 -0.49
CA GLU A 219 11.96 31.00 -0.31
C GLU A 219 12.43 31.76 -1.55
N GLU A 220 13.30 31.17 -2.35
CA GLU A 220 13.82 31.87 -3.51
C GLU A 220 13.35 31.30 -4.84
N TYR A 221 12.96 30.03 -4.89
CA TYR A 221 12.62 29.39 -6.15
C TYR A 221 11.23 28.80 -6.06
N SER A 222 10.57 28.69 -7.21
CA SER A 222 9.41 27.81 -7.31
C SER A 222 9.89 26.35 -7.33
N ILE A 223 9.06 25.45 -6.80
CA ILE A 223 9.39 24.03 -6.77
C ILE A 223 8.24 23.22 -7.33
N ALA A 224 8.51 22.43 -8.36
CA ALA A 224 7.55 21.50 -8.92
C ALA A 224 7.95 20.08 -8.54
N PHE A 225 6.97 19.24 -8.21
CA PHE A 225 7.28 17.88 -7.82
C PHE A 225 6.09 16.98 -8.15
N GLY A 226 6.31 15.66 -8.06
CA GLY A 226 5.24 14.68 -8.23
C GLY A 226 5.04 13.81 -7.01
N HIS A 227 5.12 12.46 -7.16
CA HIS A 227 5.23 11.51 -6.04
C HIS A 227 4.02 11.38 -5.13
N TRP A 228 3.56 12.49 -4.54
CA TRP A 228 2.59 12.45 -3.44
C TRP A 228 1.17 12.49 -3.99
N ALA A 229 0.69 11.32 -4.44
CA ALA A 229 -0.60 11.26 -5.13
C ALA A 229 -1.78 11.57 -4.21
N SER A 230 -1.69 11.19 -2.92
CA SER A 230 -2.81 11.42 -2.01
C SER A 230 -3.00 12.90 -1.70
N LEU A 231 -2.00 13.72 -2.02
CA LEU A 231 -2.15 15.17 -2.01
C LEU A 231 -3.14 15.64 -3.08
N GLU A 232 -3.26 14.90 -4.18
CA GLU A 232 -4.18 15.24 -5.27
C GLU A 232 -3.91 16.62 -5.85
N GLY A 233 -2.65 17.06 -5.84
CA GLY A 233 -2.30 18.36 -6.38
C GLY A 233 -2.90 19.56 -5.68
N LYS A 234 -3.41 19.40 -4.46
CA LYS A 234 -4.15 20.44 -3.76
C LYS A 234 -3.43 20.86 -2.48
N GLY A 235 -3.77 22.06 -1.99
CA GLY A 235 -3.35 22.48 -0.68
C GLY A 235 -1.93 22.99 -0.59
N THR A 236 -1.34 23.43 -1.69
CA THR A 236 0.04 23.88 -1.61
C THR A 236 0.11 25.41 -1.54
N PRO A 237 1.16 25.96 -0.94
CA PRO A 237 1.34 27.42 -0.93
C PRO A 237 1.78 27.92 -2.29
N GLU A 238 1.73 29.24 -2.45
CA GLU A 238 2.15 29.86 -3.71
C GLU A 238 3.59 29.48 -4.01
N GLY A 239 3.87 29.18 -5.27
CA GLY A 239 5.21 28.78 -5.65
C GLY A 239 5.55 27.33 -5.42
N ILE A 240 4.59 26.50 -5.00
CA ILE A 240 4.76 25.07 -4.84
C ILE A 240 3.76 24.38 -5.74
N TYR A 241 4.24 23.54 -6.65
CA TYR A 241 3.37 22.89 -7.64
C TYR A 241 3.42 21.38 -7.49
N ALA A 242 2.33 20.81 -6.96
CA ALA A 242 2.18 19.37 -6.77
C ALA A 242 1.46 18.84 -8.01
N LEU A 243 2.21 18.17 -8.88
CA LEU A 243 1.73 17.77 -10.19
C LEU A 243 1.19 16.35 -10.25
N ASP A 244 1.39 15.53 -9.22
CA ASP A 244 0.95 14.15 -9.30
C ASP A 244 -0.51 14.07 -8.87
N THR A 245 -1.40 13.83 -9.83
CA THR A 245 -2.83 13.71 -9.55
C THR A 245 -3.33 12.28 -9.73
N GLY A 246 -2.44 11.29 -9.69
CA GLY A 246 -2.87 9.91 -9.60
C GLY A 246 -3.43 9.28 -10.86
N CYS A 247 -2.80 9.52 -12.01
CA CYS A 247 -3.34 8.96 -13.26
C CYS A 247 -3.40 7.43 -13.18
N CYS A 248 -2.28 6.79 -12.82
CA CYS A 248 -2.28 5.34 -12.77
C CYS A 248 -3.32 4.79 -11.80
N TRP A 249 -3.77 5.59 -10.84
CA TRP A 249 -4.73 5.18 -9.83
C TRP A 249 -6.17 5.44 -10.25
N GLY A 250 -6.41 5.86 -11.49
CA GLY A 250 -7.76 6.22 -11.89
C GLY A 250 -8.10 7.68 -11.67
N GLY A 251 -7.13 8.50 -11.26
CA GLY A 251 -7.31 9.94 -11.16
C GLY A 251 -7.07 10.58 -12.51
N THR A 252 -6.10 11.50 -12.58
CA THR A 252 -5.86 12.24 -13.80
C THR A 252 -4.36 12.48 -13.98
N LEU A 253 -3.98 12.70 -15.24
CA LEU A 253 -2.63 13.15 -15.58
C LEU A 253 -2.68 14.65 -15.79
N THR A 254 -1.83 15.40 -15.08
CA THR A 254 -1.89 16.85 -15.07
C THR A 254 -0.67 17.44 -15.76
N CYS A 255 -0.90 18.46 -16.59
CA CYS A 255 0.14 19.19 -17.28
C CYS A 255 0.01 20.67 -16.92
N LEU A 256 1.10 21.29 -16.50
CA LEU A 256 1.14 22.72 -16.22
C LEU A 256 2.02 23.39 -17.26
N ARG A 257 1.46 24.39 -17.95
CA ARG A 257 2.26 25.24 -18.82
C ARG A 257 2.84 26.39 -18.00
N TRP A 258 4.17 26.53 -18.06
CA TRP A 258 4.88 27.43 -17.15
C TRP A 258 4.67 28.90 -17.51
N GLU A 259 4.53 29.22 -18.79
CA GLU A 259 4.48 30.63 -19.18
C GLU A 259 3.26 31.34 -18.60
N ASP A 260 2.11 30.69 -18.60
CA ASP A 260 0.88 31.29 -18.10
C ASP A 260 0.29 30.54 -16.91
N LYS A 261 1.05 29.59 -16.34
CA LYS A 261 0.55 28.76 -15.23
C LYS A 261 -0.81 28.17 -15.57
N GLN A 262 -0.96 27.70 -16.80
CA GLN A 262 -2.25 27.16 -17.20
C GLN A 262 -2.24 25.64 -17.09
N TYR A 263 -3.32 25.07 -16.52
CA TYR A 263 -3.42 23.64 -16.33
C TYR A 263 -4.24 22.97 -17.43
N PHE A 264 -3.79 21.78 -17.83
CA PHE A 264 -4.44 20.89 -18.78
C PHE A 264 -4.51 19.51 -18.16
N VAL A 265 -5.65 18.85 -18.25
CA VAL A 265 -5.88 17.63 -17.51
C VAL A 265 -6.37 16.53 -18.45
N GLN A 266 -5.85 15.32 -18.27
CA GLN A 266 -6.26 14.16 -19.05
C GLN A 266 -6.84 13.10 -18.12
N PRO A 267 -8.09 12.69 -18.32
CA PRO A 267 -8.67 11.67 -17.44
C PRO A 267 -8.01 10.31 -17.60
N SER A 268 -7.87 9.60 -16.50
CA SER A 268 -7.41 8.22 -16.54
C SER A 268 -8.34 7.40 -17.44
N ASN A 269 -7.76 6.50 -18.24
CA ASN A 269 -8.58 5.56 -19.00
C ASN A 269 -9.07 4.37 -18.17
N ARG A 270 -8.47 4.11 -17.02
CA ARG A 270 -8.94 3.07 -16.11
C ARG A 270 -10.25 3.48 -15.42
N ALA B 2 -28.57 -22.65 15.81
CA ALA B 2 -28.12 -22.50 14.43
C ALA B 2 -26.74 -21.85 14.43
N THR B 3 -26.04 -21.96 13.32
CA THR B 3 -24.69 -21.44 13.19
C THR B 3 -24.66 -20.44 12.05
N TYR B 4 -24.23 -19.22 12.33
CA TYR B 4 -24.18 -18.15 11.34
C TYR B 4 -22.74 -17.68 11.17
N LEU B 5 -22.33 -17.49 9.92
CA LEU B 5 -21.01 -16.99 9.59
C LEU B 5 -21.17 -15.66 8.84
N ILE B 6 -20.54 -14.60 9.34
CA ILE B 6 -20.67 -13.29 8.71
C ILE B 6 -19.29 -12.76 8.34
N GLY B 7 -19.20 -12.13 7.16
CA GLY B 7 -17.96 -11.56 6.67
C GLY B 7 -17.59 -10.24 7.33
N ASP B 8 -16.56 -9.58 6.76
CA ASP B 8 -15.99 -8.38 7.35
C ASP B 8 -17.06 -7.34 7.65
N VAL B 9 -17.18 -6.99 8.93
CA VAL B 9 -18.17 -6.02 9.38
C VAL B 9 -17.67 -4.58 9.18
N HIS B 10 -16.39 -4.34 9.44
CA HIS B 10 -15.76 -3.02 9.24
C HIS B 10 -16.58 -1.88 9.85
N GLY B 11 -16.93 -2.02 11.12
CA GLY B 11 -17.64 -0.96 11.80
C GLY B 11 -19.06 -0.70 11.33
N CYS B 12 -19.61 -1.58 10.49
CA CYS B 12 -20.99 -1.42 10.01
C CYS B 12 -21.95 -2.05 11.02
N TYR B 13 -22.09 -1.37 12.18
CA TYR B 13 -22.85 -1.93 13.29
C TYR B 13 -24.35 -2.05 12.97
N ASP B 14 -24.93 -1.00 12.37
CA ASP B 14 -26.35 -1.04 12.02
C ASP B 14 -26.66 -2.21 11.09
N GLU B 15 -25.80 -2.44 10.07
CA GLU B 15 -26.04 -3.54 9.14
C GLU B 15 -25.89 -4.89 9.83
N LEU B 16 -24.89 -5.02 10.71
CA LEU B 16 -24.72 -6.27 11.44
C LEU B 16 -25.95 -6.59 12.26
N ILE B 17 -26.47 -5.60 12.99
CA ILE B 17 -27.62 -5.87 13.86
C ILE B 17 -28.88 -6.15 13.03
N ALA B 18 -29.08 -5.43 11.93
CA ALA B 18 -30.24 -5.73 11.08
C ALA B 18 -30.15 -7.16 10.54
N LEU B 19 -28.97 -7.57 10.10
CA LEU B 19 -28.81 -8.93 9.58
C LEU B 19 -29.07 -9.97 10.65
N LEU B 20 -28.51 -9.77 11.85
CA LEU B 20 -28.75 -10.72 12.93
C LEU B 20 -30.22 -10.74 13.37
N HIS B 21 -30.92 -9.60 13.27
CA HIS B 21 -32.35 -9.59 13.61
C HIS B 21 -33.18 -10.29 12.54
N LYS B 22 -32.75 -10.19 11.28
CA LYS B 22 -33.39 -10.92 10.19
C LYS B 22 -33.40 -12.43 10.45
N VAL B 23 -32.27 -12.98 10.92
CA VAL B 23 -32.22 -14.41 11.22
C VAL B 23 -32.63 -14.71 12.66
N GLU B 24 -33.04 -13.69 13.41
CA GLU B 24 -33.40 -13.80 14.83
C GLU B 24 -32.31 -14.52 15.62
N PHE B 25 -31.08 -14.02 15.47
CA PHE B 25 -29.95 -14.56 16.21
C PHE B 25 -30.17 -14.47 17.71
N THR B 26 -29.99 -15.60 18.39
CA THR B 26 -30.28 -15.74 19.82
C THR B 26 -29.09 -16.33 20.56
N PRO B 27 -28.31 -15.51 21.26
CA PRO B 27 -27.19 -16.03 22.04
C PRO B 27 -27.65 -17.09 23.02
N GLY B 28 -26.86 -18.14 23.17
CA GLY B 28 -27.22 -19.28 23.97
C GLY B 28 -27.82 -20.43 23.19
N LYS B 29 -28.57 -20.12 22.12
CA LYS B 29 -29.05 -21.13 21.18
C LYS B 29 -28.28 -21.15 19.88
N ASP B 30 -27.73 -20.02 19.45
CA ASP B 30 -27.05 -19.88 18.18
C ASP B 30 -25.61 -19.47 18.44
N THR B 31 -24.76 -19.68 17.43
CA THR B 31 -23.36 -19.29 17.47
C THR B 31 -23.04 -18.47 16.23
N LEU B 32 -22.32 -17.37 16.41
CA LEU B 32 -21.97 -16.50 15.32
C LEU B 32 -20.47 -16.66 15.05
N TRP B 33 -20.10 -16.93 13.80
CA TRP B 33 -18.69 -16.90 13.39
C TRP B 33 -18.45 -15.59 12.65
N LEU B 34 -17.34 -14.93 12.95
CA LEU B 34 -16.98 -13.66 12.32
C LEU B 34 -15.58 -13.78 11.73
N THR B 35 -15.46 -13.43 10.44
CA THR B 35 -14.19 -13.55 9.70
C THR B 35 -13.17 -12.48 10.06
N GLY B 36 -13.48 -11.54 10.95
CA GLY B 36 -12.50 -10.53 11.30
C GLY B 36 -12.70 -9.25 10.53
N ASP B 37 -11.76 -8.32 10.72
CA ASP B 37 -11.91 -6.96 10.24
C ASP B 37 -13.23 -6.38 10.77
N LEU B 38 -13.33 -6.39 12.11
CA LEU B 38 -14.51 -5.88 12.80
C LEU B 38 -14.58 -4.36 12.77
N VAL B 39 -13.43 -3.71 12.58
CA VAL B 39 -13.27 -2.29 12.84
C VAL B 39 -12.77 -1.61 11.57
N ALA B 40 -12.78 -0.26 11.62
CA ALA B 40 -12.26 0.65 10.58
C ALA B 40 -13.19 0.81 9.39
N ARG B 41 -13.11 2.00 8.76
CA ARG B 41 -13.87 2.39 7.58
C ARG B 41 -15.34 2.70 7.91
N GLY B 42 -16.09 1.72 8.41
CA GLY B 42 -17.45 1.97 8.79
C GLY B 42 -17.50 2.83 10.04
N PRO B 43 -18.66 3.41 10.35
CA PRO B 43 -18.71 4.39 11.45
C PRO B 43 -18.75 3.82 12.85
N GLY B 44 -19.05 2.52 13.03
CA GLY B 44 -19.36 2.01 14.38
C GLY B 44 -18.45 0.96 15.01
N SER B 45 -17.13 1.11 14.84
CA SER B 45 -16.19 0.13 15.37
C SER B 45 -16.34 -0.08 16.88
N LEU B 46 -16.60 1.00 17.61
CA LEU B 46 -16.75 0.88 19.06
C LEU B 46 -17.96 0.03 19.42
N ASP B 47 -19.10 0.29 18.77
CA ASP B 47 -20.28 -0.52 19.04
C ASP B 47 -20.08 -1.98 18.64
N VAL B 48 -19.46 -2.21 17.48
CA VAL B 48 -19.21 -3.59 17.04
C VAL B 48 -18.38 -4.33 18.07
N LEU B 49 -17.26 -3.73 18.52
CA LEU B 49 -16.45 -4.44 19.50
C LEU B 49 -17.23 -4.68 20.79
N ARG B 50 -17.95 -3.66 21.29
CA ARG B 50 -18.69 -3.86 22.53
C ARG B 50 -19.66 -5.03 22.41
N TYR B 51 -20.41 -5.08 21.30
CA TYR B 51 -21.41 -6.12 21.12
C TYR B 51 -20.76 -7.50 20.98
N VAL B 52 -19.76 -7.61 20.10
CA VAL B 52 -19.14 -8.92 19.88
C VAL B 52 -18.53 -9.44 21.17
N LYS B 53 -17.84 -8.58 21.94
CA LYS B 53 -17.30 -9.00 23.24
C LYS B 53 -18.40 -9.46 24.18
N SER B 54 -19.52 -8.73 24.25
CA SER B 54 -20.62 -9.14 25.12
C SER B 54 -21.15 -10.52 24.75
N LEU B 55 -20.96 -10.97 23.50
CA LEU B 55 -21.50 -12.29 23.12
C LEU B 55 -20.81 -13.48 23.80
N GLY B 56 -19.57 -13.31 24.28
CA GLY B 56 -18.91 -14.41 24.96
C GLY B 56 -18.81 -15.67 24.10
N ASP B 57 -19.21 -16.80 24.69
CA ASP B 57 -19.13 -18.09 24.02
C ASP B 57 -20.02 -18.19 22.78
N SER B 58 -20.96 -17.27 22.59
CA SER B 58 -21.81 -17.32 21.41
C SER B 58 -21.16 -16.75 20.17
N VAL B 59 -19.89 -16.35 20.21
CA VAL B 59 -19.22 -15.86 19.03
C VAL B 59 -17.85 -16.53 18.91
N ARG B 60 -17.47 -16.88 17.67
CA ARG B 60 -16.16 -17.43 17.30
C ARG B 60 -15.56 -16.47 16.26
N LEU B 61 -14.62 -15.67 16.71
CA LEU B 61 -13.96 -14.65 15.90
C LEU B 61 -12.58 -15.14 15.48
N VAL B 62 -12.12 -14.65 14.34
CA VAL B 62 -10.70 -14.67 14.00
C VAL B 62 -10.30 -13.24 13.70
N LEU B 63 -9.05 -12.89 14.02
CA LEU B 63 -8.57 -11.53 13.80
C LEU B 63 -8.17 -11.30 12.34
N GLY B 64 -8.46 -10.10 11.83
CA GLY B 64 -8.06 -9.69 10.50
C GLY B 64 -6.95 -8.65 10.52
N ASN B 65 -6.52 -8.25 9.31
CA ASN B 65 -5.43 -7.29 9.23
C ASN B 65 -5.80 -5.93 9.83
N HIS B 66 -7.07 -5.50 9.72
CA HIS B 66 -7.45 -4.22 10.31
C HIS B 66 -7.61 -4.32 11.83
N ASP B 67 -7.98 -5.48 12.34
CA ASP B 67 -7.97 -5.67 13.79
C ASP B 67 -6.55 -5.54 14.32
N LEU B 68 -5.59 -6.18 13.65
CA LEU B 68 -4.19 -6.07 14.06
C LEU B 68 -3.68 -4.64 13.95
N HIS B 69 -4.07 -3.91 12.89
CA HIS B 69 -3.67 -2.52 12.79
C HIS B 69 -4.26 -1.67 13.92
N LEU B 70 -5.54 -1.90 14.25
CA LEU B 70 -6.10 -1.20 15.39
C LEU B 70 -5.27 -1.47 16.65
N LEU B 71 -4.87 -2.72 16.85
CA LEU B 71 -4.07 -3.05 18.04
C LEU B 71 -2.73 -2.32 18.02
N ALA B 72 -2.09 -2.25 16.84
CA ALA B 72 -0.82 -1.54 16.70
C ALA B 72 -0.97 -0.05 17.05
N VAL B 73 -2.06 0.58 16.60
CA VAL B 73 -2.30 1.97 16.96
C VAL B 73 -2.54 2.10 18.47
N PHE B 74 -3.36 1.21 19.03
CA PHE B 74 -3.61 1.23 20.46
C PHE B 74 -2.31 1.18 21.25
N ALA B 75 -1.36 0.35 20.82
CA ALA B 75 -0.10 0.19 21.52
C ALA B 75 0.94 1.26 21.17
N GLY B 76 0.59 2.26 20.37
CA GLY B 76 1.54 3.28 19.98
C GLY B 76 2.58 2.84 18.99
N ILE B 77 2.41 1.66 18.39
CA ILE B 77 3.31 1.14 17.37
C ILE B 77 3.06 1.83 16.05
N SER B 78 1.81 2.21 15.77
CA SER B 78 1.44 2.83 14.51
C SER B 78 0.58 4.04 14.81
N ARG B 79 0.57 4.99 13.88
CA ARG B 79 -0.13 6.24 14.11
C ARG B 79 -1.58 6.15 13.61
N ASN B 80 -2.47 6.76 14.37
CA ASN B 80 -3.89 6.77 14.03
C ASN B 80 -4.14 7.63 12.80
N LYS B 81 -4.77 7.05 11.79
CA LYS B 81 -5.32 7.82 10.67
C LYS B 81 -6.76 8.17 10.98
N PRO B 82 -7.14 9.45 11.08
CA PRO B 82 -8.54 9.79 11.39
C PRO B 82 -9.56 9.16 10.46
N LYS B 83 -9.22 9.01 9.17
CA LYS B 83 -10.18 8.49 8.20
C LYS B 83 -10.58 7.04 8.48
N ASP B 84 -9.81 6.31 9.28
CA ASP B 84 -10.17 4.93 9.61
C ASP B 84 -11.38 4.87 10.54
N ARG B 85 -11.71 5.98 11.19
CA ARG B 85 -12.82 6.08 12.13
C ARG B 85 -12.61 5.22 13.38
N LEU B 86 -11.36 5.12 13.83
CA LEU B 86 -11.07 4.39 15.05
C LEU B 86 -10.99 5.29 16.27
N THR B 87 -11.02 6.62 16.08
CA THR B 87 -10.79 7.53 17.21
C THR B 87 -11.81 7.38 18.32
N PRO B 88 -13.12 7.27 18.06
CA PRO B 88 -14.05 7.08 19.18
C PRO B 88 -13.72 5.83 19.98
N LEU B 89 -13.43 4.72 19.30
CA LEU B 89 -13.03 3.49 19.99
C LEU B 89 -11.75 3.71 20.79
N LEU B 90 -10.75 4.33 20.15
CA LEU B 90 -9.49 4.56 20.85
C LEU B 90 -9.68 5.44 22.08
N GLU B 91 -10.55 6.44 22.00
CA GLU B 91 -10.74 7.37 23.11
C GLU B 91 -11.84 6.91 24.09
N ALA B 92 -12.42 5.74 23.89
CA ALA B 92 -13.51 5.30 24.75
C ALA B 92 -13.00 5.02 26.15
N PRO B 93 -13.84 5.24 27.17
CA PRO B 93 -13.42 4.91 28.54
C PRO B 93 -13.11 3.44 28.74
N ASP B 94 -13.74 2.53 27.98
CA ASP B 94 -13.49 1.10 28.11
C ASP B 94 -12.56 0.56 27.03
N ALA B 95 -11.77 1.44 26.40
CA ALA B 95 -10.89 1.02 25.32
C ALA B 95 -9.91 -0.07 25.77
N ASP B 96 -9.33 0.09 26.96
CA ASP B 96 -8.40 -0.90 27.47
C ASP B 96 -9.05 -2.27 27.57
N GLU B 97 -10.24 -2.32 28.18
CA GLU B 97 -10.96 -3.58 28.33
C GLU B 97 -11.24 -4.22 26.96
N LEU B 98 -11.72 -3.42 26.01
CA LEU B 98 -12.08 -3.93 24.69
C LEU B 98 -10.86 -4.45 23.92
N LEU B 99 -9.77 -3.69 23.91
CA LEU B 99 -8.60 -4.08 23.10
C LEU B 99 -7.77 -5.17 23.76
N ASN B 100 -7.69 -5.21 25.09
CA ASN B 100 -7.07 -6.34 25.75
C ASN B 100 -7.87 -7.63 25.54
N TRP B 101 -9.20 -7.53 25.45
CA TRP B 101 -9.97 -8.68 24.97
C TRP B 101 -9.65 -9.00 23.50
N LEU B 102 -9.63 -8.01 22.63
CA LEU B 102 -9.49 -8.30 21.20
C LEU B 102 -8.18 -9.00 20.91
N ARG B 103 -7.10 -8.58 21.57
CA ARG B 103 -5.80 -9.16 21.26
C ARG B 103 -5.65 -10.60 21.76
N ARG B 104 -6.59 -11.09 22.56
CA ARG B 104 -6.57 -12.48 23.00
C ARG B 104 -7.43 -13.38 22.13
N GLN B 105 -7.96 -12.88 21.01
CA GLN B 105 -8.84 -13.71 20.20
C GLN B 105 -8.01 -14.49 19.17
N PRO B 106 -8.54 -15.61 18.68
CA PRO B 106 -7.74 -16.51 17.83
C PRO B 106 -7.51 -15.95 16.43
N LEU B 107 -6.54 -16.54 15.73
CA LEU B 107 -6.35 -16.33 14.29
C LEU B 107 -7.02 -17.39 13.44
N LEU B 108 -7.43 -18.50 14.06
CA LEU B 108 -7.86 -19.69 13.38
C LEU B 108 -8.97 -20.31 14.22
N GLN B 109 -10.09 -20.66 13.60
CA GLN B 109 -11.19 -21.36 14.27
C GLN B 109 -11.40 -22.70 13.57
N ILE B 110 -11.49 -23.79 14.33
CA ILE B 110 -11.68 -25.13 13.76
C ILE B 110 -12.84 -25.81 14.49
N ASP B 111 -13.81 -26.31 13.73
CA ASP B 111 -14.91 -27.09 14.28
C ASP B 111 -14.90 -28.45 13.60
N GLU B 112 -14.49 -29.49 14.34
CA GLU B 112 -14.35 -30.83 13.78
C GLU B 112 -15.70 -31.46 13.44
N GLU B 113 -16.73 -31.20 14.26
CA GLU B 113 -18.03 -31.80 14.01
C GLU B 113 -18.69 -31.21 12.78
N LYS B 114 -18.41 -29.93 12.46
CA LYS B 114 -18.87 -29.35 11.20
C LYS B 114 -17.89 -29.53 10.06
N LYS B 115 -16.68 -30.01 10.34
CA LYS B 115 -15.61 -30.08 9.34
C LYS B 115 -15.36 -28.70 8.74
N LEU B 116 -15.29 -27.69 9.61
CA LEU B 116 -15.28 -26.30 9.19
C LEU B 116 -14.05 -25.60 9.76
N VAL B 117 -13.36 -24.86 8.90
CA VAL B 117 -12.18 -24.10 9.29
C VAL B 117 -12.39 -22.66 8.88
N MET B 118 -12.03 -21.71 9.76
CA MET B 118 -12.13 -20.29 9.41
C MET B 118 -10.85 -19.56 9.79
N ALA B 119 -10.43 -18.66 8.91
CA ALA B 119 -9.36 -17.70 9.16
C ALA B 119 -9.65 -16.47 8.30
N HIS B 120 -9.03 -15.34 8.64
CA HIS B 120 -9.42 -14.09 7.97
C HIS B 120 -9.23 -14.16 6.46
N ALA B 121 -8.02 -14.53 6.00
CA ALA B 121 -7.71 -14.55 4.58
C ALA B 121 -7.82 -15.93 3.94
N GLY B 122 -7.85 -16.99 4.75
CA GLY B 122 -7.92 -18.35 4.24
C GLY B 122 -6.80 -19.21 4.76
N ILE B 123 -6.55 -20.36 4.13
CA ILE B 123 -5.45 -21.25 4.51
C ILE B 123 -4.51 -21.37 3.32
N THR B 124 -3.25 -20.94 3.51
CA THR B 124 -2.32 -21.06 2.40
C THR B 124 -2.20 -22.53 2.01
N PRO B 125 -2.16 -22.83 0.71
CA PRO B 125 -1.97 -24.21 0.28
C PRO B 125 -0.65 -24.82 0.73
N GLN B 126 0.30 -24.02 1.21
CA GLN B 126 1.55 -24.56 1.71
C GLN B 126 1.43 -25.14 3.12
N TRP B 127 0.29 -24.97 3.79
CA TRP B 127 0.08 -25.45 5.15
C TRP B 127 -0.89 -26.63 5.16
N ASP B 128 -0.58 -27.63 5.97
CA ASP B 128 -1.54 -28.62 6.40
C ASP B 128 -2.16 -28.18 7.74
N LEU B 129 -3.15 -28.93 8.21
CA LEU B 129 -3.94 -28.45 9.35
C LEU B 129 -3.07 -28.30 10.58
N GLN B 130 -2.21 -29.29 10.84
CA GLN B 130 -1.34 -29.25 12.02
C GLN B 130 -0.42 -28.04 11.99
N THR B 131 0.16 -27.74 10.83
CA THR B 131 1.00 -26.54 10.73
C THR B 131 0.19 -25.28 10.96
N ALA B 132 -0.99 -25.18 10.34
CA ALA B 132 -1.82 -23.99 10.54
C ALA B 132 -2.15 -23.81 12.02
N LYS B 133 -2.45 -24.91 12.72
CA LYS B 133 -2.77 -24.85 14.14
C LYS B 133 -1.58 -24.33 14.94
N GLU B 134 -0.40 -24.88 14.68
CA GLU B 134 0.78 -24.50 15.44
C GLU B 134 1.14 -23.05 15.20
N CYS B 135 1.05 -22.61 13.94
CA CYS B 135 1.34 -21.22 13.62
C CYS B 135 0.33 -20.27 14.28
N ALA B 136 -0.96 -20.60 14.21
CA ALA B 136 -1.96 -19.79 14.90
C ALA B 136 -1.61 -19.69 16.37
N ARG B 137 -1.25 -20.81 16.99
CA ARG B 137 -0.99 -20.78 18.43
C ARG B 137 0.20 -19.90 18.73
N ASP B 138 1.27 -19.97 17.92
CA ASP B 138 2.44 -19.14 18.19
C ASP B 138 2.08 -17.65 18.10
N VAL B 139 1.39 -17.24 17.04
CA VAL B 139 1.13 -15.81 16.93
C VAL B 139 0.16 -15.38 18.02
N GLU B 140 -0.85 -16.21 18.32
CA GLU B 140 -1.80 -15.88 19.38
C GLU B 140 -1.07 -15.73 20.72
N ALA B 141 -0.04 -16.55 20.94
CA ALA B 141 0.74 -16.45 22.18
C ALA B 141 1.44 -15.11 22.29
N VAL B 142 2.03 -14.62 21.19
CA VAL B 142 2.67 -13.31 21.31
C VAL B 142 1.61 -12.20 21.46
N LEU B 143 0.47 -12.32 20.78
CA LEU B 143 -0.55 -11.26 20.88
C LEU B 143 -1.17 -11.18 22.28
N SER B 144 -1.28 -12.30 22.98
CA SER B 144 -1.88 -12.24 24.31
C SER B 144 -0.86 -12.01 25.42
N SER B 145 0.41 -11.86 25.08
CA SER B 145 1.45 -11.68 26.08
C SER B 145 1.64 -10.20 26.40
N ASP B 146 2.32 -9.95 27.53
CA ASP B 146 2.58 -8.57 27.96
C ASP B 146 3.43 -7.81 26.97
N SER B 147 4.15 -8.51 26.08
CA SER B 147 5.05 -7.86 25.15
C SER B 147 4.45 -7.74 23.75
N TYR B 148 3.12 -7.70 23.65
CA TYR B 148 2.48 -7.62 22.33
C TYR B 148 2.88 -6.38 21.53
N PRO B 149 3.21 -5.22 22.11
CA PRO B 149 3.58 -4.08 21.26
C PRO B 149 4.83 -4.36 20.43
N PHE B 150 5.78 -5.06 21.03
CA PHE B 150 6.98 -5.45 20.32
C PHE B 150 6.63 -6.38 19.15
N PHE B 151 5.76 -7.37 19.37
CA PHE B 151 5.36 -8.21 18.25
C PHE B 151 4.65 -7.38 17.17
N LEU B 152 3.67 -6.55 17.56
CA LEU B 152 2.94 -5.80 16.56
C LEU B 152 3.89 -5.01 15.68
N ASP B 153 4.90 -4.39 16.30
CA ASP B 153 5.92 -3.70 15.52
C ASP B 153 6.65 -4.67 14.59
N ALA B 154 7.02 -5.85 15.11
CA ALA B 154 7.80 -6.83 14.36
C ALA B 154 7.01 -7.45 13.21
N MET B 155 5.67 -7.49 13.32
CA MET B 155 4.83 -8.18 12.34
C MET B 155 4.85 -7.53 10.97
N TYR B 156 5.17 -6.23 10.87
CA TYR B 156 5.14 -5.55 9.57
C TYR B 156 6.26 -6.05 8.66
N GLY B 157 5.92 -6.27 7.40
CA GLY B 157 6.87 -6.72 6.41
C GLY B 157 6.20 -7.65 5.41
N ASP B 158 6.83 -7.77 4.23
CA ASP B 158 6.28 -8.56 3.12
C ASP B 158 7.07 -9.82 2.80
N MET B 159 8.19 -10.07 3.49
CA MET B 159 9.06 -11.21 3.27
C MET B 159 9.31 -11.93 4.59
N PRO B 160 9.60 -13.24 4.59
CA PRO B 160 9.61 -14.16 3.44
C PRO B 160 8.19 -14.43 2.98
N ASN B 161 8.02 -14.91 1.74
CA ASN B 161 6.70 -15.22 1.22
C ASN B 161 6.59 -16.69 0.86
N ASN B 162 7.52 -17.50 1.34
CA ASN B 162 7.53 -18.93 1.10
C ASN B 162 7.62 -19.65 2.44
N TRP B 163 6.69 -20.56 2.70
CA TRP B 163 6.72 -21.28 3.96
C TRP B 163 7.80 -22.34 3.97
N SER B 164 8.46 -22.48 5.12
CA SER B 164 9.29 -23.63 5.38
C SER B 164 9.27 -23.89 6.88
N PRO B 165 9.24 -25.15 7.30
CA PRO B 165 9.38 -25.43 8.73
C PRO B 165 10.70 -24.94 9.31
N GLU B 166 11.69 -24.62 8.48
CA GLU B 166 12.96 -24.10 8.99
C GLU B 166 12.93 -22.60 9.28
N LEU B 167 11.86 -21.90 8.90
CA LEU B 167 11.78 -20.48 9.20
C LEU B 167 11.89 -20.28 10.71
N ARG B 168 12.55 -19.19 11.11
CA ARG B 168 12.78 -18.87 12.52
C ARG B 168 12.61 -17.36 12.71
N GLY B 169 12.31 -16.96 13.94
CA GLY B 169 12.34 -15.56 14.31
C GLY B 169 11.37 -14.69 13.52
N LEU B 170 11.87 -13.50 13.15
CA LEU B 170 11.01 -12.46 12.57
C LEU B 170 10.38 -12.91 11.26
N GLY B 171 11.15 -13.60 10.41
CA GLY B 171 10.59 -14.05 9.15
C GLY B 171 9.47 -15.06 9.33
N ARG B 172 9.64 -15.98 10.30
CA ARG B 172 8.59 -16.95 10.58
C ARG B 172 7.31 -16.22 11.02
N LEU B 173 7.46 -15.28 11.95
CA LEU B 173 6.32 -14.55 12.47
C LEU B 173 5.60 -13.74 11.37
N ARG B 174 6.38 -13.04 10.55
CA ARG B 174 5.79 -12.24 9.47
C ARG B 174 5.06 -13.11 8.45
N PHE B 175 5.66 -14.24 8.04
CA PHE B 175 4.95 -15.10 7.10
C PHE B 175 3.63 -15.57 7.69
N ILE B 176 3.64 -15.98 8.95
CA ILE B 176 2.39 -16.47 9.55
C ILE B 176 1.32 -15.38 9.53
N THR B 177 1.68 -14.17 9.96
CA THR B 177 0.71 -13.09 10.00
C THR B 177 0.18 -12.79 8.61
N ASN B 178 1.08 -12.77 7.63
CA ASN B 178 0.67 -12.46 6.27
C ASN B 178 -0.24 -13.53 5.71
N ALA B 179 0.07 -14.80 5.99
CA ALA B 179 -0.77 -15.88 5.49
C ALA B 179 -2.17 -15.82 6.08
N PHE B 180 -2.28 -15.57 7.39
CA PHE B 180 -3.61 -15.59 8.00
C PHE B 180 -4.43 -14.34 7.69
N THR B 181 -3.80 -13.17 7.53
CA THR B 181 -4.56 -11.93 7.50
C THR B 181 -4.41 -11.08 6.25
N ARG B 182 -3.49 -11.42 5.34
CA ARG B 182 -3.30 -10.57 4.16
C ARG B 182 -3.36 -11.31 2.84
N MET B 183 -3.25 -12.63 2.85
CA MET B 183 -3.15 -13.43 1.62
C MET B 183 -4.32 -13.23 0.68
N ARG B 184 -4.01 -13.16 -0.61
CA ARG B 184 -5.00 -13.21 -1.69
C ARG B 184 -4.47 -14.13 -2.78
N PHE B 185 -3.48 -13.64 -3.54
CA PHE B 185 -2.90 -14.35 -4.66
C PHE B 185 -1.64 -15.12 -4.28
N CYS B 186 -1.43 -16.24 -4.98
CA CYS B 186 -0.22 -17.05 -4.89
C CYS B 186 0.42 -17.18 -6.26
N PHE B 187 1.73 -17.37 -6.27
CA PHE B 187 2.41 -17.86 -7.46
C PHE B 187 2.12 -19.35 -7.61
N PRO B 188 2.35 -19.91 -8.81
CA PRO B 188 2.01 -21.33 -9.05
C PRO B 188 2.51 -22.27 -7.98
N ASN B 189 3.68 -21.98 -7.39
CA ASN B 189 4.27 -22.84 -6.40
C ASN B 189 3.78 -22.53 -4.99
N GLY B 190 2.80 -21.67 -4.86
CA GLY B 190 2.15 -21.40 -3.59
C GLY B 190 2.70 -20.23 -2.82
N GLN B 191 3.73 -19.57 -3.33
CA GLN B 191 4.31 -18.44 -2.62
C GLN B 191 3.34 -17.26 -2.60
N LEU B 192 3.34 -16.52 -1.50
CA LEU B 192 2.42 -15.40 -1.34
C LEU B 192 2.85 -14.21 -2.20
N ASP B 193 1.87 -13.58 -2.83
CA ASP B 193 2.03 -12.24 -3.38
C ASP B 193 1.37 -11.26 -2.42
N MET B 194 2.09 -10.20 -2.07
CA MET B 194 1.63 -9.31 -1.03
C MET B 194 1.15 -7.98 -1.58
N TYR B 195 0.92 -7.88 -2.90
CA TYR B 195 0.61 -6.57 -3.50
C TYR B 195 -0.69 -6.52 -4.27
N SER B 196 -1.05 -7.55 -5.05
CA SER B 196 -2.26 -7.46 -5.87
C SER B 196 -3.51 -7.71 -5.02
N LYS B 197 -4.48 -6.82 -5.14
CA LYS B 197 -5.73 -6.88 -4.39
C LYS B 197 -6.96 -6.89 -5.29
N GLU B 198 -6.77 -7.06 -6.59
CA GLU B 198 -7.87 -7.00 -7.52
C GLU B 198 -8.57 -8.37 -7.61
N SER B 199 -9.66 -8.40 -8.37
CA SER B 199 -10.37 -9.66 -8.59
C SER B 199 -9.53 -10.61 -9.45
N PRO B 200 -9.77 -11.92 -9.35
CA PRO B 200 -8.93 -12.88 -10.09
C PRO B 200 -8.83 -12.61 -11.60
N GLU B 201 -9.89 -12.11 -12.23
CA GLU B 201 -9.85 -11.84 -13.67
C GLU B 201 -8.87 -10.74 -14.02
N GLU B 202 -8.71 -9.74 -13.16
CA GLU B 202 -7.87 -8.58 -13.46
C GLU B 202 -6.41 -8.78 -13.04
N ALA B 203 -6.08 -9.91 -12.42
CA ALA B 203 -4.78 -10.09 -11.82
C ALA B 203 -3.70 -10.32 -12.87
N PRO B 204 -2.49 -9.82 -12.64
CA PRO B 204 -1.39 -10.09 -13.58
C PRO B 204 -0.91 -11.52 -13.50
N ALA B 205 -0.39 -12.01 -14.63
CA ALA B 205 0.25 -13.31 -14.65
C ALA B 205 1.50 -13.26 -13.77
N PRO B 206 1.87 -14.39 -13.15
CA PRO B 206 1.18 -15.68 -13.10
C PRO B 206 0.32 -15.90 -11.85
N LEU B 207 -0.25 -14.85 -11.27
CA LEU B 207 -0.94 -14.98 -9.98
C LEU B 207 -2.28 -15.68 -10.11
N LYS B 208 -2.59 -16.53 -9.14
CA LYS B 208 -3.89 -17.19 -9.04
C LYS B 208 -4.38 -17.14 -7.60
N PRO B 209 -5.70 -17.20 -7.39
CA PRO B 209 -6.22 -17.24 -6.02
C PRO B 209 -5.58 -18.37 -5.22
N TRP B 210 -5.33 -18.13 -3.92
CA TRP B 210 -4.76 -19.18 -3.07
C TRP B 210 -5.63 -20.44 -3.11
N PHE B 211 -6.95 -20.26 -3.18
CA PHE B 211 -7.86 -21.41 -3.15
C PHE B 211 -7.89 -22.14 -4.49
N ALA B 212 -7.30 -21.57 -5.55
CA ALA B 212 -7.21 -22.26 -6.83
C ALA B 212 -6.02 -23.20 -6.90
N ILE B 213 -5.22 -23.29 -5.84
CA ILE B 213 -4.10 -24.22 -5.76
C ILE B 213 -4.47 -25.28 -4.73
N PRO B 214 -4.57 -26.55 -5.11
CA PRO B 214 -5.02 -27.56 -4.15
C PRO B 214 -4.09 -27.64 -2.95
N GLY B 215 -4.69 -27.72 -1.76
CA GLY B 215 -3.96 -27.83 -0.52
C GLY B 215 -4.59 -28.85 0.40
N PRO B 216 -3.78 -29.41 1.31
CA PRO B 216 -4.29 -30.50 2.16
C PRO B 216 -5.48 -30.13 3.04
N VAL B 217 -5.57 -28.91 3.57
CA VAL B 217 -6.71 -28.59 4.46
C VAL B 217 -8.02 -28.64 3.67
N ALA B 218 -8.04 -28.03 2.48
CA ALA B 218 -9.26 -28.02 1.66
C ALA B 218 -9.71 -29.40 1.24
N GLU B 219 -8.82 -30.40 1.24
CA GLU B 219 -9.23 -31.75 0.89
C GLU B 219 -10.07 -32.38 2.00
N GLU B 220 -9.93 -31.91 3.24
CA GLU B 220 -10.68 -32.50 4.33
C GLU B 220 -11.71 -31.57 4.97
N TYR B 221 -11.54 -30.25 4.87
CA TYR B 221 -12.40 -29.31 5.56
C TYR B 221 -12.97 -28.27 4.61
N SER B 222 -14.16 -27.78 4.93
CA SER B 222 -14.62 -26.53 4.34
C SER B 222 -13.83 -25.40 4.98
N ILE B 223 -13.65 -24.34 4.20
CA ILE B 223 -12.90 -23.17 4.67
C ILE B 223 -13.77 -21.94 4.44
N ALA B 224 -14.04 -21.19 5.50
CA ALA B 224 -14.73 -19.91 5.42
C ALA B 224 -13.71 -18.80 5.67
N PHE B 225 -13.81 -17.71 4.89
CA PHE B 225 -12.88 -16.60 5.07
C PHE B 225 -13.56 -15.31 4.63
N GLY B 226 -12.92 -14.19 4.96
CA GLY B 226 -13.38 -12.87 4.51
C GLY B 226 -12.31 -12.15 3.71
N HIS B 227 -11.92 -10.93 4.16
CA HIS B 227 -10.73 -10.21 3.68
C HIS B 227 -10.78 -9.70 2.23
N TRP B 228 -11.06 -10.59 1.28
CA TRP B 228 -10.85 -10.30 -0.15
C TRP B 228 -12.12 -9.72 -0.77
N ALA B 229 -12.35 -8.43 -0.55
CA ALA B 229 -13.63 -7.84 -0.98
C ALA B 229 -13.76 -7.83 -2.50
N SER B 230 -12.66 -7.63 -3.25
CA SER B 230 -12.78 -7.51 -4.71
C SER B 230 -13.19 -8.84 -5.34
N LEU B 231 -13.05 -9.94 -4.60
CA LEU B 231 -13.63 -11.21 -4.99
C LEU B 231 -15.15 -11.16 -4.97
N GLU B 232 -15.74 -10.31 -4.13
CA GLU B 232 -17.20 -10.16 -4.06
C GLU B 232 -17.90 -11.47 -3.75
N GLY B 233 -17.24 -12.35 -2.98
CA GLY B 233 -17.81 -13.62 -2.61
C GLY B 233 -18.06 -14.60 -3.74
N LYS B 234 -17.45 -14.39 -4.90
CA LYS B 234 -17.75 -15.18 -6.08
C LYS B 234 -16.52 -15.96 -6.57
N GLY B 235 -16.79 -17.00 -7.35
CA GLY B 235 -15.76 -17.69 -8.11
C GLY B 235 -14.94 -18.68 -7.33
N THR B 236 -15.45 -19.18 -6.23
CA THR B 236 -14.73 -20.10 -5.39
C THR B 236 -15.14 -21.53 -5.69
N PRO B 237 -14.25 -22.49 -5.44
CA PRO B 237 -14.62 -23.91 -5.59
C PRO B 237 -15.53 -24.36 -4.46
N GLU B 238 -16.12 -25.54 -4.65
CA GLU B 238 -17.00 -26.10 -3.63
C GLU B 238 -16.22 -26.29 -2.34
N GLY B 239 -16.87 -25.99 -1.22
CA GLY B 239 -16.24 -26.08 0.07
C GLY B 239 -15.40 -24.89 0.46
N ILE B 240 -15.37 -23.84 -0.36
CA ILE B 240 -14.65 -22.61 -0.07
C ILE B 240 -15.69 -21.49 -0.05
N TYR B 241 -15.79 -20.78 1.08
CA TYR B 241 -16.82 -19.78 1.27
C TYR B 241 -16.17 -18.43 1.50
N ALA B 242 -16.27 -17.56 0.49
CA ALA B 242 -15.74 -16.20 0.52
C ALA B 242 -16.89 -15.31 0.98
N LEU B 243 -16.83 -14.87 2.24
CA LEU B 243 -17.95 -14.19 2.87
C LEU B 243 -17.86 -12.67 2.84
N ASP B 244 -16.72 -12.11 2.43
CA ASP B 244 -16.59 -10.66 2.43
C ASP B 244 -17.19 -10.11 1.14
N THR B 245 -18.36 -9.49 1.23
CA THR B 245 -19.00 -8.88 0.08
C THR B 245 -19.00 -7.35 0.17
N GLY B 246 -18.07 -6.80 0.96
CA GLY B 246 -17.76 -5.39 0.88
C GLY B 246 -18.76 -4.42 1.48
N CYS B 247 -19.28 -4.73 2.66
CA CYS B 247 -20.32 -3.88 3.25
C CYS B 247 -19.81 -2.45 3.42
N CYS B 248 -18.65 -2.27 4.05
CA CYS B 248 -18.16 -0.92 4.30
C CYS B 248 -17.93 -0.14 3.01
N TRP B 249 -17.77 -0.83 1.89
CA TRP B 249 -17.49 -0.24 0.58
C TRP B 249 -18.76 0.07 -0.20
N GLY B 250 -19.93 -0.10 0.40
CA GLY B 250 -21.16 0.05 -0.34
C GLY B 250 -21.67 -1.22 -0.97
N GLY B 251 -21.07 -2.36 -0.67
CA GLY B 251 -21.57 -3.64 -1.13
C GLY B 251 -22.65 -4.14 -0.18
N THR B 252 -22.45 -5.33 0.39
CA THR B 252 -23.45 -5.95 1.25
C THR B 252 -22.74 -6.67 2.40
N LEU B 253 -23.48 -6.89 3.50
CA LEU B 253 -23.00 -7.75 4.57
C LEU B 253 -23.66 -9.12 4.42
N THR B 254 -22.86 -10.18 4.37
CA THR B 254 -23.35 -11.50 4.02
C THR B 254 -23.30 -12.42 5.23
N CYS B 255 -24.37 -13.17 5.44
CA CYS B 255 -24.46 -14.15 6.51
C CYS B 255 -24.81 -15.50 5.90
N LEU B 256 -24.06 -16.54 6.28
CA LEU B 256 -24.33 -17.90 5.83
C LEU B 256 -24.78 -18.73 7.03
N ARG B 257 -25.95 -19.33 6.93
CA ARG B 257 -26.38 -20.30 7.93
C ARG B 257 -25.85 -21.67 7.54
N TRP B 258 -25.10 -22.30 8.46
CA TRP B 258 -24.33 -23.49 8.16
C TRP B 258 -25.19 -24.74 8.03
N GLU B 259 -26.30 -24.82 8.77
CA GLU B 259 -27.08 -26.05 8.77
C GLU B 259 -27.66 -26.33 7.38
N ASP B 260 -28.13 -25.29 6.69
CA ASP B 260 -28.73 -25.47 5.38
C ASP B 260 -28.01 -24.71 4.27
N LYS B 261 -26.82 -24.18 4.55
CA LYS B 261 -26.07 -23.37 3.58
C LYS B 261 -26.95 -22.28 2.98
N GLN B 262 -27.74 -21.62 3.81
CA GLN B 262 -28.65 -20.60 3.29
C GLN B 262 -28.03 -19.22 3.50
N TYR B 263 -28.08 -18.38 2.48
CA TYR B 263 -27.48 -17.06 2.52
C TYR B 263 -28.52 -16.00 2.85
N PHE B 264 -28.11 -15.01 3.64
CA PHE B 264 -28.88 -13.83 3.98
C PHE B 264 -28.02 -12.60 3.75
N VAL B 265 -28.58 -11.57 3.14
CA VAL B 265 -27.78 -10.42 2.74
C VAL B 265 -28.42 -9.15 3.29
N GLN B 266 -27.59 -8.26 3.81
CA GLN B 266 -28.04 -6.96 4.28
C GLN B 266 -27.41 -5.88 3.43
N PRO B 267 -28.18 -5.02 2.78
CA PRO B 267 -27.57 -3.95 1.96
C PRO B 267 -26.84 -2.93 2.82
N SER B 268 -25.73 -2.43 2.28
CA SER B 268 -24.99 -1.35 2.91
C SER B 268 -25.85 -0.09 3.07
N ASN B 269 -25.70 0.59 4.20
CA ASN B 269 -26.26 1.92 4.39
C ASN B 269 -25.45 3.00 3.69
N ARG B 270 -24.23 2.68 3.28
CA ARG B 270 -23.37 3.58 2.52
C ARG B 270 -23.90 3.76 1.10
PB BKP C . 4.34 6.28 -5.16
O1B BKP C . 3.77 5.87 -6.50
O2B BKP C . 5.64 7.03 -5.35
O3B BKP C . 4.54 5.02 -4.15
O3A BKP C . 3.28 7.28 -4.38
PA BKP C . 1.65 7.11 -4.33
O1A BKP C . 1.19 7.10 -5.78
O2A BKP C . 1.08 8.28 -3.55
O5' BKP C . 1.22 5.79 -3.66
C5' BKP C . 1.15 5.75 -2.24
C4' BKP C . -0.21 5.15 -1.81
O4' BKP C . -1.18 6.19 -1.87
C3' BKP C . -0.64 4.06 -2.79
O3' BKP C . -0.53 2.77 -2.17
C2' BKP C . -2.11 4.40 -3.15
O2' BKP C . -2.99 3.30 -2.88
C1' BKP C . -2.42 5.56 -2.18
N9 BKP C . -3.29 6.59 -2.73
C8 BKP C . -3.38 6.93 -4.05
N7 BKP C . -4.24 7.92 -4.29
C5 BKP C . -4.72 8.26 -3.02
C6 BKP C . -5.68 9.24 -2.53
O6 BKP C . -6.25 10.00 -3.25
N1 BKP C . -5.87 9.21 -1.16
C2 BKP C . -5.23 8.37 -0.27
N2 BKP C . -5.48 8.43 1.04
N3 BKP C . -4.34 7.45 -0.71
C4 BKP C . -4.12 7.42 -2.04
PD BKP C . 7.25 6.10 -1.13
PG BKP C . 4.89 5.02 -2.55
O1G BKP C . 5.35 3.64 -2.13
O2G BKP C . 3.68 5.40 -1.73
O3G BKP C . 6.05 6.12 -2.23
O4A BKP C . 6.94 7.11 -0.05
O4B BKP C . 7.26 4.66 -0.56
O4G BKP C . 8.57 6.41 -1.78
MN MN D . 4.39 7.90 -8.20
MG MG E . 4.40 7.90 -8.19
MN MN F . 6.98 8.43 -6.21
N1 EPE G . 5.06 1.23 11.41
C2 EPE G . 6.27 1.98 11.81
C3 EPE G . 7.49 1.16 11.44
N4 EPE G . 7.44 -0.20 11.95
C5 EPE G . 6.15 -0.89 11.89
C6 EPE G . 4.95 0.00 12.20
C7 EPE G . 8.62 -1.04 11.84
C8 EPE G . 9.96 -0.30 11.97
O8 EPE G . 10.38 -0.28 13.30
C9 EPE G . 3.88 2.09 11.61
C10 EPE G . 3.83 3.03 10.40
S EPE G . 2.49 4.22 10.51
O1S EPE G . 2.53 4.91 11.80
O2S EPE G . 2.59 5.22 9.44
O3S EPE G . 1.28 3.44 10.38
H21 EPE G . 6.26 2.16 12.89
H22 EPE G . 6.29 2.95 11.31
H31 EPE G . 8.38 1.65 11.82
H32 EPE G . 7.58 1.13 10.35
H51 EPE G . 6.17 -1.71 12.59
H52 EPE G . 6.03 -1.30 10.89
H61 EPE G . 4.93 0.24 13.26
H62 EPE G . 4.03 -0.52 11.95
H71 EPE G . 8.59 -1.54 10.87
H72 EPE G . 8.57 -1.81 12.61
H81 EPE G . 9.84 0.71 11.59
H82 EPE G . 10.70 -0.80 11.35
HO8 EPE G . 10.07 -1.08 13.76
H91 EPE G . 2.98 1.50 11.67
H92 EPE G . 3.98 2.67 12.53
H101 EPE G . 4.78 3.56 10.32
H102 EPE G . 3.70 2.44 9.49
PB BKP H . -8.64 -4.86 3.39
O1B BKP H . -9.93 -4.49 4.09
O2B BKP H . -7.93 -5.87 4.26
O3B BKP H . -7.67 -3.56 3.09
O3A BKP H . -9.05 -5.49 1.93
PA BKP H . -10.17 -4.91 0.87
O1A BKP H . -11.46 -4.75 1.65
O2A BKP H . -10.31 -5.92 -0.27
O5' BKP H . -9.78 -3.55 0.29
C5' BKP H . -8.43 -3.28 -0.10
C4' BKP H . -8.39 -2.50 -1.44
O4' BKP H . -9.30 -3.10 -2.37
C3' BKP H . -8.83 -1.05 -1.21
O3' BKP H . -7.95 -0.16 -1.92
C2' BKP H . -10.25 -0.99 -1.83
O2' BKP H . -10.50 0.28 -2.43
C1' BKP H . -10.16 -2.08 -2.91
N9 BKP H . -11.46 -2.66 -3.25
C8 BKP H . -12.50 -2.77 -2.36
N7 BKP H . -13.59 -3.33 -2.89
C5 BKP H . -13.22 -3.61 -4.22
C6 BKP H . -13.91 -4.20 -5.35
O6 BKP H . -15.04 -4.60 -5.30
N1 BKP H . -13.14 -4.27 -6.51
C2 BKP H . -11.85 -3.84 -6.65
N2 BKP H . -11.23 -3.99 -7.82
N3 BKP H . -11.19 -3.28 -5.60
C4 BKP H . -11.88 -3.18 -4.44
PD BKP H . -4.09 -5.59 2.96
PG BKP H . -6.10 -3.47 2.64
O1G BKP H . -5.26 -2.70 3.65
O2G BKP H . -5.98 -2.82 1.28
O3G BKP H . -5.54 -4.99 2.53
O4A BKP H . -3.79 -5.45 4.43
O4B BKP H . -4.11 -7.04 2.52
O4G BKP H . -3.06 -4.81 2.12
MN MN I . -11.67 -6.36 5.28
MG MG J . -11.67 -6.36 5.27
MN MN K . -8.79 -7.93 5.58
#